data_6HS4
#
_entry.id   6HS4
#
_cell.length_a   114.160
_cell.length_b   114.160
_cell.length_c   305.458
_cell.angle_alpha   90.00
_cell.angle_beta   90.00
_cell.angle_gamma   120.00
#
_symmetry.space_group_name_H-M   'H 3 2'
#
loop_
_entity.id
_entity.type
_entity.pdbx_description
1 polymer 'Envelope glycoprotein,GP1,Envelope glycoprotein'
2 polymer 'Envelope glycoprotein'
3 branched alpha-D-mannopyranose-(1-3)-[alpha-D-mannopyranose-(1-6)]beta-D-mannopyranose-(1-4)-2-acetamido-2-deoxy-beta-D-glucopyranose-(1-4)-2-acetamido-2-deoxy-beta-D-glucopyranose
4 non-polymer 2-acetamido-2-deoxy-beta-D-glucopyranose
5 non-polymer GLYCEROL
6 non-polymer 1-[2-[3-oxidanyl-4-(4-phenyl-1~{H}-pyrazol-5-yl)phenoxy]ethyl]piperidine-4-carboxamide
7 non-polymer 'DIMETHYL SULFOXIDE'
8 water water
#
loop_
_entity_poly.entity_id
_entity_poly.type
_entity_poly.pdbx_seq_one_letter_code
_entity_poly.pdbx_strand_id
1 'polypeptide(L)'
;ETGRSIPLGVIHNSALQVSDVDKLVCRDKLSSTNQLRSVGLNLEGNGVATDVPSATKRWGFRSGVPPKVVNYEAGEWAEN
CYNLEIKKPDGSECLPAAPDGIRGFPRCRYVHKVSGTGPCAGDFAFHKEGAFFLYDRLASTVIYRGTTFAEGVVAFLILP
QAKKDFFSSHPLREPVNATEDPSSGYYSTTIRYQATGFGTNETEYLFEVDNLTYVQLESRFTPQFLLQLNETIYTSGKRS
NTTGKLIWKVNPEIDTTIGEWAFWETKKNLTRKIRSEELSFTVV(UNK)(UNK)(UNK)(UNK)(UNK)(UNK)(UNK)
(UNK)STHHQDTGEESASSGKLGLITNTIAGVAGLITGGRRTRR
;
A
2 'polypeptide(L)'
;EAIVNAQPKCNPNLHYWTTQDEGAAIGLAWIPYFGPAAEGIYIEGLMHNQDGLICGLRQLANETTQALQLFLRATTELRT
FSILNRKAIDFLLQRWGGTCHILGPDCCIEPADWTKNITDKIDQIIHDFVDGSGYIPEAPRDGQAYVRKDGEWVLLSTFL
GTHHHHHH
;
B
#
loop_
_chem_comp.id
_chem_comp.type
_chem_comp.name
_chem_comp.formula
BMA D-saccharide, beta linking beta-D-mannopyranose 'C6 H12 O6'
DMS non-polymer 'DIMETHYL SULFOXIDE' 'C2 H6 O S'
GOL non-polymer GLYCEROL 'C3 H8 O3'
GON non-polymer 1-[2-[3-oxidanyl-4-(4-phenyl-1~{H}-pyrazol-5-yl)phenoxy]ethyl]piperidine-4-carboxamide 'C23 H26 N4 O3'
MAN D-saccharide, alpha linking alpha-D-mannopyranose 'C6 H12 O6'
NAG D-saccharide, beta linking 2-acetamido-2-deoxy-beta-D-glucopyranose 'C8 H15 N O6'
#
# COMPACT_ATOMS: atom_id res chain seq x y z
N GLY A 3 12.49 12.58 16.43
CA GLY A 3 11.09 12.23 16.56
C GLY A 3 10.12 13.36 16.26
N ARG A 4 8.96 13.01 15.70
CA ARG A 4 7.92 13.97 15.39
C ARG A 4 6.56 13.28 15.47
N SER A 5 5.51 14.08 15.53
CA SER A 5 4.18 13.55 15.75
C SER A 5 3.63 12.94 14.48
N ILE A 6 2.96 11.80 14.61
CA ILE A 6 2.36 11.12 13.47
C ILE A 6 1.20 11.96 12.99
N PRO A 7 1.24 12.45 11.76
CA PRO A 7 0.17 13.32 11.27
C PRO A 7 -1.16 12.57 11.16
N LEU A 8 -2.23 13.35 11.23
CA LEU A 8 -3.60 12.84 11.15
C LEU A 8 -4.33 13.66 10.10
N GLY A 9 -4.97 13.00 9.16
CA GLY A 9 -5.73 13.71 8.13
C GLY A 9 -7.12 14.09 8.63
N VAL A 10 -7.52 15.33 8.32
CA VAL A 10 -8.85 15.82 8.66
C VAL A 10 -9.36 16.68 7.52
N ILE A 11 -10.67 16.64 7.30
CA ILE A 11 -11.29 17.42 6.23
C ILE A 11 -11.79 18.74 6.82
N HIS A 12 -11.31 19.86 6.26
CA HIS A 12 -11.77 21.19 6.61
C HIS A 12 -11.87 22.02 5.35
N ASN A 13 -12.92 22.83 5.26
CA ASN A 13 -13.16 23.72 4.12
C ASN A 13 -13.10 22.96 2.80
N SER A 14 -13.74 21.80 2.78
CA SER A 14 -13.81 20.94 1.60
C SER A 14 -12.43 20.53 1.10
N ALA A 15 -11.45 20.38 2.00
CA ALA A 15 -10.14 19.94 1.59
C ALA A 15 -9.50 19.11 2.70
N LEU A 16 -8.64 18.19 2.29
CA LEU A 16 -7.92 17.35 3.26
C LEU A 16 -6.75 18.15 3.81
N GLN A 17 -6.63 18.20 5.13
CA GLN A 17 -5.54 18.88 5.79
C GLN A 17 -4.82 17.93 6.74
N VAL A 18 -3.57 18.24 7.03
CA VAL A 18 -2.83 17.51 8.04
C VAL A 18 -2.98 18.28 9.34
N SER A 19 -3.29 17.55 10.40
CA SER A 19 -3.46 18.16 11.70
C SER A 19 -3.08 17.11 12.73
N ASP A 20 -3.51 17.31 13.97
CA ASP A 20 -3.43 16.27 14.98
C ASP A 20 -4.53 16.55 15.99
N VAL A 21 -4.75 15.57 16.87
CA VAL A 21 -5.77 15.70 17.91
C VAL A 21 -5.48 16.90 18.80
N ASP A 22 -4.21 17.30 18.92
CA ASP A 22 -3.86 18.39 19.81
C ASP A 22 -4.24 19.74 19.21
N LYS A 23 -4.16 19.86 17.89
CA LYS A 23 -4.42 21.17 17.22
C LYS A 23 -5.79 21.21 16.52
N LEU A 24 -6.81 20.64 17.15
CA LEU A 24 -8.16 20.69 16.64
C LEU A 24 -8.97 21.73 17.42
N VAL A 25 -10.12 22.09 16.84
CA VAL A 25 -11.03 23.02 17.47
C VAL A 25 -12.22 22.25 18.03
N CYS A 26 -12.94 22.90 18.94
CA CYS A 26 -14.05 22.25 19.61
C CYS A 26 -15.12 21.77 18.65
N ARG A 27 -15.23 22.40 17.47
CA ARG A 27 -16.23 21.98 16.50
C ARG A 27 -15.89 20.64 15.88
N ASP A 28 -14.61 20.24 15.88
CA ASP A 28 -14.24 18.91 15.44
C ASP A 28 -14.78 17.88 16.44
N LYS A 29 -15.43 16.84 15.93
CA LYS A 29 -16.13 15.88 16.77
C LYS A 29 -15.61 14.47 16.49
N LEU A 30 -15.17 13.79 17.54
CA LEU A 30 -14.79 12.38 17.50
C LEU A 30 -15.76 11.63 18.42
N SER A 31 -16.76 10.98 17.86
CA SER A 31 -17.77 10.37 18.71
C SER A 31 -17.57 8.87 18.86
N SER A 32 -16.59 8.28 18.17
CA SER A 32 -16.32 6.85 18.25
C SER A 32 -14.97 6.56 17.59
N THR A 33 -14.27 5.54 18.11
CA THR A 33 -13.04 5.10 17.48
C THR A 33 -13.27 4.65 16.03
N ASN A 34 -14.52 4.39 15.64
CA ASN A 34 -14.84 4.05 14.25
C ASN A 34 -14.55 5.20 13.30
N GLN A 35 -14.54 6.45 13.79
CA GLN A 35 -14.23 7.60 12.95
C GLN A 35 -12.75 7.68 12.60
N LEU A 36 -11.91 6.91 13.28
CA LEU A 36 -10.48 6.88 12.99
C LEU A 36 -10.18 5.72 12.04
N ARG A 37 -9.33 5.98 11.06
CA ARG A 37 -9.03 4.97 10.05
C ARG A 37 -7.55 5.01 9.69
N SER A 38 -7.00 3.84 9.41
CA SER A 38 -5.65 3.69 8.89
C SER A 38 -5.76 3.07 7.51
N VAL A 39 -4.99 3.59 6.57
CA VAL A 39 -5.15 3.25 5.16
CA VAL A 39 -5.15 3.22 5.16
C VAL A 39 -3.78 3.15 4.50
N GLY A 40 -3.60 2.12 3.67
CA GLY A 40 -2.38 1.98 2.89
C GLY A 40 -2.63 2.39 1.45
N LEU A 41 -1.75 3.25 0.94
CA LEU A 41 -1.80 3.76 -0.43
C LEU A 41 -0.60 3.23 -1.18
N ASN A 42 -0.80 2.89 -2.45
CA ASN A 42 0.23 2.19 -3.22
C ASN A 42 1.12 3.19 -3.94
N LEU A 43 2.45 2.95 -3.87
CA LEU A 43 3.41 3.81 -4.57
C LEU A 43 3.08 3.96 -6.05
N GLU A 44 2.54 2.92 -6.68
CA GLU A 44 2.28 3.00 -8.10
C GLU A 44 1.25 4.08 -8.42
N GLY A 45 0.38 4.41 -7.45
CA GLY A 45 -0.56 5.51 -7.63
C GLY A 45 0.08 6.90 -7.63
N ASN A 46 1.38 6.99 -7.33
CA ASN A 46 2.12 8.23 -7.43
C ASN A 46 2.96 8.31 -8.70
N GLY A 47 2.92 7.28 -9.53
CA GLY A 47 3.56 7.31 -10.83
C GLY A 47 4.91 6.63 -10.90
N VAL A 48 5.31 5.87 -9.88
CA VAL A 48 6.62 5.25 -9.89
C VAL A 48 6.65 4.15 -10.95
N ALA A 49 7.83 3.89 -11.51
CA ALA A 49 7.98 2.78 -12.42
C ALA A 49 7.79 1.47 -11.68
N THR A 50 7.04 0.54 -12.30
CA THR A 50 6.64 -0.70 -11.64
C THR A 50 7.28 -1.94 -12.26
N ASP A 51 7.96 -1.81 -13.39
CA ASP A 51 8.65 -2.94 -13.98
C ASP A 51 9.64 -3.53 -12.96
N VAL A 52 9.88 -4.84 -13.07
CA VAL A 52 10.75 -5.52 -12.12
C VAL A 52 12.13 -4.89 -12.03
N PRO A 53 12.82 -4.56 -13.12
CA PRO A 53 14.15 -3.93 -12.97
C PRO A 53 14.11 -2.65 -12.15
N SER A 54 13.13 -1.76 -12.40
CA SER A 54 13.08 -0.51 -11.65
C SER A 54 12.68 -0.75 -10.20
N ALA A 55 11.68 -1.61 -9.98
CA ALA A 55 11.16 -1.82 -8.63
C ALA A 55 12.23 -2.40 -7.71
N THR A 56 12.98 -3.39 -8.18
CA THR A 56 13.91 -4.07 -7.28
C THR A 56 15.07 -3.16 -6.90
N LYS A 57 15.40 -2.17 -7.74
CA LYS A 57 16.45 -1.22 -7.38
C LYS A 57 16.09 -0.36 -6.19
N ARG A 58 14.82 -0.31 -5.81
CA ARG A 58 14.41 0.48 -4.64
C ARG A 58 14.57 -0.29 -3.34
N TRP A 59 15.01 -1.54 -3.37
CA TRP A 59 15.15 -2.38 -2.19
C TRP A 59 16.60 -2.79 -2.01
N GLY A 60 17.03 -2.91 -0.76
CA GLY A 60 18.39 -3.34 -0.48
C GLY A 60 18.50 -3.96 0.89
N PHE A 61 19.58 -4.71 1.08
CA PHE A 61 19.81 -5.46 2.31
C PHE A 61 20.64 -4.65 3.30
N ARG A 62 20.34 -4.84 4.58
CA ARG A 62 20.94 -4.08 5.66
C ARG A 62 20.89 -4.92 6.92
N SER A 63 21.99 -4.91 7.69
CA SER A 63 22.03 -5.57 8.99
C SER A 63 21.99 -4.54 10.12
N GLY A 64 21.63 -5.02 11.31
CA GLY A 64 21.64 -4.20 12.50
C GLY A 64 20.35 -3.46 12.82
N VAL A 65 19.34 -3.53 11.95
CA VAL A 65 18.10 -2.79 12.09
C VAL A 65 16.97 -3.78 12.30
N PRO A 66 16.33 -3.82 13.47
CA PRO A 66 15.24 -4.78 13.71
C PRO A 66 14.02 -4.43 12.88
N PRO A 67 13.39 -5.43 12.27
CA PRO A 67 12.18 -5.15 11.48
C PRO A 67 11.03 -4.73 12.37
N LYS A 68 10.11 -3.95 11.78
CA LYS A 68 8.96 -3.43 12.49
C LYS A 68 7.71 -3.58 11.61
N VAL A 69 6.58 -3.83 12.26
CA VAL A 69 5.31 -4.08 11.59
C VAL A 69 4.27 -3.16 12.19
N VAL A 70 3.40 -2.60 11.34
CA VAL A 70 2.29 -1.76 11.78
C VAL A 70 1.06 -2.18 10.99
N ASN A 71 -0.10 -2.18 11.64
CA ASN A 71 -1.27 -2.61 10.90
C ASN A 71 -1.92 -1.44 10.18
N TYR A 72 -2.71 -1.76 9.17
CA TYR A 72 -3.57 -0.78 8.51
C TYR A 72 -4.85 -1.50 8.14
N GLU A 73 -5.95 -0.74 8.03
CA GLU A 73 -7.27 -1.37 7.97
C GLU A 73 -7.80 -1.56 6.56
N ALA A 74 -7.35 -0.75 5.61
CA ALA A 74 -7.89 -0.75 4.26
C ALA A 74 -6.76 -0.42 3.30
N GLY A 75 -6.83 -1.00 2.10
CA GLY A 75 -5.81 -0.74 1.10
C GLY A 75 -6.43 -0.52 -0.27
N GLU A 76 -5.54 -0.39 -1.24
CA GLU A 76 -5.88 -0.06 -2.61
C GLU A 76 -5.60 -1.29 -3.48
N TRP A 77 -6.48 -1.58 -4.44
CA TRP A 77 -6.18 -2.66 -5.37
C TRP A 77 -4.91 -2.31 -6.14
N ALA A 78 -4.00 -3.26 -6.25
CA ALA A 78 -2.72 -3.02 -6.89
C ALA A 78 -2.73 -3.60 -8.29
N GLU A 79 -2.14 -2.86 -9.23
CA GLU A 79 -1.80 -3.46 -10.51
C GLU A 79 -0.58 -4.36 -10.40
N ASN A 80 0.43 -3.93 -9.66
CA ASN A 80 1.69 -4.65 -9.58
C ASN A 80 2.00 -5.00 -8.13
N CYS A 81 2.24 -6.28 -7.88
CA CYS A 81 2.77 -6.77 -6.62
C CYS A 81 3.98 -7.65 -6.92
N TYR A 82 4.72 -8.00 -5.87
CA TYR A 82 5.97 -8.72 -6.04
C TYR A 82 6.07 -9.83 -5.01
N ASN A 83 6.76 -10.91 -5.40
CA ASN A 83 6.91 -12.10 -4.59
C ASN A 83 8.29 -12.67 -4.87
N LEU A 84 9.15 -12.70 -3.86
CA LEU A 84 10.59 -12.90 -4.06
C LEU A 84 11.04 -14.21 -3.41
N GLU A 85 11.79 -15.00 -4.18
CA GLU A 85 12.45 -16.24 -3.73
C GLU A 85 13.92 -16.12 -4.12
N ILE A 86 14.70 -15.45 -3.28
CA ILE A 86 16.09 -15.13 -3.57
C ILE A 86 16.99 -15.92 -2.63
N LYS A 87 18.00 -16.59 -3.18
CA LYS A 87 19.01 -17.31 -2.43
C LYS A 87 20.39 -16.73 -2.72
N LYS A 88 21.35 -17.08 -1.89
CA LYS A 88 22.73 -16.78 -2.20
C LYS A 88 23.28 -17.86 -3.12
N PRO A 89 24.40 -17.61 -3.80
CA PRO A 89 24.99 -18.67 -4.64
C PRO A 89 25.22 -19.97 -3.89
N ASP A 90 25.45 -19.92 -2.58
CA ASP A 90 25.67 -21.14 -1.82
C ASP A 90 24.38 -21.86 -1.43
N GLY A 91 23.22 -21.37 -1.87
CA GLY A 91 21.96 -22.03 -1.60
C GLY A 91 21.18 -21.52 -0.40
N SER A 92 21.80 -20.75 0.48
CA SER A 92 21.09 -20.27 1.67
C SER A 92 20.03 -19.23 1.29
N GLU A 93 19.00 -19.15 2.12
CA GLU A 93 17.89 -18.23 1.87
C GLU A 93 18.30 -16.81 2.22
N CYS A 94 17.97 -15.86 1.34
CA CYS A 94 18.24 -14.46 1.62
C CYS A 94 17.14 -13.81 2.44
N LEU A 95 15.92 -14.33 2.41
CA LEU A 95 14.80 -13.66 3.04
C LEU A 95 14.17 -14.54 4.12
N PRO A 96 13.65 -13.96 5.20
CA PRO A 96 13.04 -14.78 6.25
C PRO A 96 11.65 -15.21 5.86
N ALA A 97 11.25 -16.37 6.36
CA ALA A 97 9.88 -16.84 6.16
C ALA A 97 8.90 -15.82 6.75
N ALA A 98 7.71 -15.75 6.16
CA ALA A 98 6.70 -14.82 6.66
C ALA A 98 6.34 -15.16 8.10
N PRO A 99 6.40 -14.21 9.03
CA PRO A 99 5.93 -14.48 10.40
C PRO A 99 4.48 -14.92 10.41
N ASP A 100 4.11 -15.58 11.52
CA ASP A 100 2.75 -16.04 11.74
C ASP A 100 1.75 -14.89 11.55
N GLY A 101 0.73 -15.15 10.75
CA GLY A 101 -0.32 -14.18 10.54
C GLY A 101 -0.02 -13.11 9.52
N ILE A 102 1.10 -13.18 8.81
CA ILE A 102 1.39 -12.22 7.76
C ILE A 102 1.17 -12.94 6.42
N ARG A 103 0.13 -12.52 5.69
CA ARG A 103 -0.26 -13.08 4.41
C ARG A 103 -0.02 -12.06 3.31
N GLY A 104 -0.05 -12.56 2.06
CA GLY A 104 0.20 -11.69 0.93
C GLY A 104 -0.83 -10.60 0.76
N PHE A 105 -0.41 -9.52 0.12
CA PHE A 105 -1.31 -8.43 -0.23
C PHE A 105 -2.49 -8.98 -1.02
N PRO A 106 -3.74 -8.61 -0.68
CA PRO A 106 -4.89 -9.37 -1.16
C PRO A 106 -5.40 -9.04 -2.55
N ARG A 107 -5.00 -7.93 -3.18
CA ARG A 107 -5.56 -7.53 -4.47
C ARG A 107 -4.43 -7.09 -5.39
N CYS A 108 -4.01 -8.00 -6.27
CA CYS A 108 -2.89 -7.79 -7.19
C CYS A 108 -3.31 -8.24 -8.58
N ARG A 109 -3.40 -7.30 -9.52
CA ARG A 109 -3.67 -7.71 -10.90
C ARG A 109 -2.53 -8.59 -11.43
N TYR A 110 -1.29 -8.15 -11.25
CA TYR A 110 -0.13 -8.91 -11.67
C TYR A 110 0.78 -9.14 -10.46
N VAL A 111 1.18 -10.39 -10.26
CA VAL A 111 2.14 -10.76 -9.22
C VAL A 111 3.44 -11.11 -9.92
N HIS A 112 4.44 -10.26 -9.78
CA HIS A 112 5.75 -10.49 -10.39
C HIS A 112 6.53 -11.37 -9.43
N LYS A 113 6.66 -12.66 -9.76
CA LYS A 113 7.31 -13.62 -8.88
C LYS A 113 8.74 -13.82 -9.36
N VAL A 114 9.70 -13.35 -8.57
CA VAL A 114 11.12 -13.37 -8.94
C VAL A 114 11.81 -14.45 -8.13
N SER A 115 12.44 -15.40 -8.83
CA SER A 115 13.30 -16.40 -8.21
C SER A 115 14.71 -16.20 -8.73
N GLY A 116 15.69 -16.41 -7.88
CA GLY A 116 17.06 -16.29 -8.35
C GLY A 116 18.04 -16.14 -7.20
N THR A 117 19.18 -15.53 -7.53
CA THR A 117 20.29 -15.44 -6.61
C THR A 117 20.87 -14.04 -6.60
N GLY A 118 21.52 -13.71 -5.48
CA GLY A 118 22.27 -12.49 -5.32
C GLY A 118 23.18 -12.62 -4.12
N PRO A 119 24.06 -11.63 -3.90
CA PRO A 119 24.92 -11.70 -2.72
C PRO A 119 24.19 -11.46 -1.41
N CYS A 120 23.13 -10.65 -1.41
CA CYS A 120 22.28 -10.46 -0.23
C CYS A 120 23.10 -10.08 1.00
N ALA A 121 23.79 -8.95 0.90
CA ALA A 121 24.76 -8.56 1.93
C ALA A 121 24.07 -7.79 3.05
N GLY A 122 23.22 -8.50 3.79
CA GLY A 122 22.51 -7.91 4.92
C GLY A 122 21.40 -8.80 5.43
N ASP A 123 21.06 -8.67 6.72
CA ASP A 123 20.11 -9.62 7.32
C ASP A 123 18.70 -9.43 6.80
N PHE A 124 18.30 -8.21 6.45
CA PHE A 124 16.93 -7.96 6.01
C PHE A 124 16.94 -7.02 4.82
N ALA A 125 15.93 -7.15 3.98
CA ALA A 125 15.77 -6.29 2.81
C ALA A 125 14.79 -5.18 3.13
N PHE A 126 15.24 -3.93 3.02
CA PHE A 126 14.47 -2.75 3.36
C PHE A 126 14.16 -1.94 2.10
N HIS A 127 13.24 -1.00 2.23
CA HIS A 127 12.92 -0.08 1.14
C HIS A 127 13.89 1.11 1.19
N LYS A 128 14.63 1.33 0.12
CA LYS A 128 15.66 2.37 0.12
C LYS A 128 15.08 3.77 0.20
N GLU A 129 13.80 3.95 -0.05
CA GLU A 129 13.19 5.27 0.03
C GLU A 129 12.33 5.43 1.26
N GLY A 130 12.39 4.47 2.19
CA GLY A 130 11.66 4.57 3.43
C GLY A 130 10.22 4.14 3.35
N ALA A 131 9.77 3.62 2.21
CA ALA A 131 8.39 3.17 2.11
C ALA A 131 8.26 1.82 2.82
N PHE A 132 7.03 1.31 2.85
CA PHE A 132 6.73 0.03 3.47
C PHE A 132 6.43 -1.01 2.41
N PHE A 133 6.61 -2.26 2.82
CA PHE A 133 6.09 -3.40 2.07
C PHE A 133 4.73 -3.76 2.65
N LEU A 134 3.68 -3.63 1.83
CA LEU A 134 2.31 -3.82 2.26
C LEU A 134 1.89 -5.27 2.05
N TYR A 135 1.51 -5.94 3.13
CA TYR A 135 0.99 -7.28 3.13
C TYR A 135 -0.51 -7.21 3.42
N ASP A 136 -1.09 -8.32 3.91
CA ASP A 136 -2.51 -8.33 4.19
C ASP A 136 -2.81 -7.54 5.48
N ARG A 137 -3.03 -6.23 5.34
CA ARG A 137 -3.41 -5.34 6.43
C ARG A 137 -2.32 -5.24 7.51
N LEU A 138 -1.10 -5.62 7.15
CA LEU A 138 0.08 -5.39 7.95
C LEU A 138 1.14 -4.84 7.02
N ALA A 139 1.75 -3.73 7.41
CA ALA A 139 2.82 -3.09 6.66
C ALA A 139 4.13 -3.36 7.39
N SER A 140 5.15 -3.77 6.66
CA SER A 140 6.43 -4.09 7.27
C SER A 140 7.55 -3.26 6.67
N THR A 141 8.60 -3.04 7.45
CA THR A 141 9.78 -2.42 6.89
C THR A 141 10.62 -3.38 6.06
N VAL A 142 10.36 -4.69 6.09
CA VAL A 142 11.23 -5.66 5.41
C VAL A 142 10.42 -6.60 4.52
N ILE A 143 11.13 -7.31 3.65
CA ILE A 143 10.53 -8.24 2.71
C ILE A 143 10.59 -9.64 3.30
N TYR A 144 9.45 -10.33 3.31
CA TYR A 144 9.42 -11.74 3.69
C TYR A 144 9.47 -12.63 2.45
N ARG A 145 10.05 -13.82 2.63
CA ARG A 145 10.27 -14.74 1.53
C ARG A 145 8.95 -15.22 0.96
N GLY A 146 8.87 -15.28 -0.38
CA GLY A 146 7.74 -15.87 -1.08
C GLY A 146 6.40 -15.32 -0.65
N THR A 147 6.34 -14.05 -0.26
CA THR A 147 5.11 -13.46 0.27
C THR A 147 4.80 -12.21 -0.55
N THR A 148 3.63 -12.21 -1.17
CA THR A 148 3.25 -11.16 -2.11
C THR A 148 3.03 -9.83 -1.40
N PHE A 149 3.69 -8.77 -1.89
CA PHE A 149 3.55 -7.44 -1.30
C PHE A 149 3.34 -6.39 -2.37
N ALA A 150 2.81 -5.25 -1.95
CA ALA A 150 2.79 -4.04 -2.75
C ALA A 150 3.61 -2.99 -2.02
N GLU A 151 4.31 -2.16 -2.79
CA GLU A 151 5.02 -1.05 -2.18
C GLU A 151 4.03 0.05 -1.86
N GLY A 152 4.11 0.58 -0.64
CA GLY A 152 3.18 1.64 -0.31
C GLY A 152 3.49 2.32 1.00
N VAL A 153 2.58 3.20 1.38
CA VAL A 153 2.72 4.05 2.56
C VAL A 153 1.37 4.12 3.26
N VAL A 154 1.41 4.54 4.52
CA VAL A 154 0.25 4.48 5.40
C VAL A 154 -0.16 5.88 5.80
N ALA A 155 -1.48 6.13 5.83
CA ALA A 155 -2.04 7.37 6.31
C ALA A 155 -3.06 7.08 7.41
N PHE A 156 -3.24 8.06 8.29
CA PHE A 156 -4.22 8.00 9.37
C PHE A 156 -5.21 9.14 9.22
N LEU A 157 -6.49 8.82 9.40
CA LEU A 157 -7.57 9.77 9.14
C LEU A 157 -8.54 9.84 10.30
N ILE A 158 -9.06 11.03 10.54
CA ILE A 158 -10.24 11.21 11.37
C ILE A 158 -11.36 11.65 10.43
N LEU A 159 -12.36 10.79 10.27
CA LEU A 159 -13.46 11.06 9.34
C LEU A 159 -14.49 12.00 9.97
N PRO A 160 -15.13 12.83 9.17
CA PRO A 160 -16.25 13.63 9.69
C PRO A 160 -17.41 12.71 10.06
N GLN A 161 -18.25 13.21 10.97
CA GLN A 161 -19.43 12.44 11.37
C GLN A 161 -20.27 12.05 10.17
N ALA A 162 -20.48 12.98 9.24
CA ALA A 162 -21.26 12.71 8.03
C ALA A 162 -20.58 11.67 7.14
N SER A 184 -17.18 -5.52 -10.86
CA SER A 184 -16.42 -6.59 -11.52
C SER A 184 -15.67 -7.45 -10.50
N GLY A 185 -15.22 -8.62 -10.95
CA GLY A 185 -14.56 -9.57 -10.08
C GLY A 185 -13.09 -9.27 -9.89
N TYR A 186 -12.41 -10.22 -9.26
CA TYR A 186 -10.99 -10.12 -8.96
C TYR A 186 -10.24 -11.18 -9.75
N TYR A 187 -9.28 -10.72 -10.57
CA TYR A 187 -8.44 -11.60 -11.36
C TYR A 187 -6.98 -11.26 -11.09
N SER A 188 -6.15 -12.30 -11.03
CA SER A 188 -4.74 -12.13 -10.72
C SER A 188 -3.92 -13.05 -11.61
N THR A 189 -2.80 -12.53 -12.11
CA THR A 189 -1.93 -13.30 -12.99
C THR A 189 -0.52 -13.29 -12.44
N THR A 190 0.09 -14.47 -12.35
CA THR A 190 1.45 -14.58 -11.89
C THR A 190 2.40 -14.56 -13.07
N ILE A 191 3.38 -13.68 -13.02
CA ILE A 191 4.40 -13.52 -14.05
C ILE A 191 5.72 -13.90 -13.41
N ARG A 192 6.37 -14.93 -13.94
CA ARG A 192 7.52 -15.52 -13.29
C ARG A 192 8.82 -15.03 -13.95
N TYR A 193 9.83 -14.81 -13.13
CA TYR A 193 11.12 -14.34 -13.60
C TYR A 193 12.25 -15.08 -12.89
N GLN A 194 13.37 -15.17 -13.57
CA GLN A 194 14.62 -15.63 -12.98
CA GLN A 194 14.63 -15.63 -13.00
C GLN A 194 15.59 -14.47 -12.90
N ALA A 195 16.40 -14.45 -11.84
CA ALA A 195 17.30 -13.32 -11.63
C ALA A 195 18.67 -13.80 -11.19
N THR A 196 19.70 -13.10 -11.65
CA THR A 196 21.06 -13.29 -11.15
C THR A 196 21.60 -11.93 -10.73
N GLY A 197 22.56 -11.96 -9.80
CA GLY A 197 23.07 -10.72 -9.23
C GLY A 197 22.00 -9.85 -8.62
N PHE A 198 20.95 -10.45 -8.06
CA PHE A 198 19.86 -9.68 -7.49
C PHE A 198 20.38 -8.70 -6.45
N GLY A 199 19.79 -7.50 -6.44
CA GLY A 199 20.14 -6.51 -5.46
C GLY A 199 21.43 -5.76 -5.69
N THR A 200 22.03 -5.88 -6.87
CA THR A 200 23.28 -5.19 -7.18
C THR A 200 23.09 -4.28 -8.40
N ASN A 201 24.21 -3.79 -8.92
CA ASN A 201 24.20 -2.94 -10.10
C ASN A 201 24.19 -3.74 -11.40
N GLU A 202 24.52 -5.02 -11.34
CA GLU A 202 24.59 -5.86 -12.53
C GLU A 202 23.54 -6.98 -12.49
N THR A 203 22.30 -6.66 -12.17
CA THR A 203 21.25 -7.66 -12.09
C THR A 203 20.75 -8.02 -13.49
N GLU A 204 20.54 -9.31 -13.72
CA GLU A 204 20.02 -9.82 -14.98
C GLU A 204 18.70 -10.54 -14.73
N TYR A 205 17.70 -10.23 -15.55
CA TYR A 205 16.35 -10.78 -15.39
C TYR A 205 15.91 -11.49 -16.66
N LEU A 206 15.23 -12.61 -16.49
CA LEU A 206 14.63 -13.35 -17.60
C LEU A 206 13.16 -13.57 -17.30
N PHE A 207 12.31 -13.31 -18.27
CA PHE A 207 10.90 -13.65 -18.15
C PHE A 207 10.70 -15.10 -18.55
N GLU A 208 9.99 -15.85 -17.71
CA GLU A 208 9.87 -17.29 -17.88
C GLU A 208 8.64 -17.63 -18.71
N VAL A 209 8.85 -18.26 -19.86
CA VAL A 209 7.74 -18.73 -20.69
C VAL A 209 7.34 -20.14 -20.30
N ASP A 210 8.31 -21.06 -20.24
CA ASP A 210 8.18 -22.32 -19.54
C ASP A 210 9.52 -22.60 -18.86
N ASN A 211 9.68 -23.81 -18.32
CA ASN A 211 10.91 -24.06 -17.55
C ASN A 211 12.15 -24.06 -18.43
N LEU A 212 11.99 -24.11 -19.76
CA LEU A 212 13.12 -24.12 -20.67
C LEU A 212 13.09 -22.98 -21.67
N THR A 213 12.12 -22.07 -21.60
CA THR A 213 12.02 -20.98 -22.57
C THR A 213 11.93 -19.65 -21.82
N TYR A 214 12.82 -18.72 -22.15
CA TYR A 214 12.90 -17.45 -21.44
C TYR A 214 13.06 -16.31 -22.44
N VAL A 215 12.69 -15.11 -22.00
CA VAL A 215 12.86 -13.88 -22.75
C VAL A 215 13.72 -12.95 -21.92
N GLN A 216 14.75 -12.38 -22.53
CA GLN A 216 15.58 -11.41 -21.84
C GLN A 216 14.73 -10.19 -21.49
N LEU A 217 14.72 -9.83 -20.21
CA LEU A 217 13.79 -8.82 -19.73
C LEU A 217 14.32 -7.41 -19.94
N GLU A 218 13.44 -6.51 -20.38
CA GLU A 218 13.72 -5.09 -20.49
C GLU A 218 12.79 -4.31 -19.57
N SER A 219 13.28 -3.18 -19.07
CA SER A 219 12.48 -2.32 -18.19
C SER A 219 11.22 -1.83 -18.88
N ARG A 220 11.28 -1.65 -20.19
CA ARG A 220 10.14 -1.11 -20.93
C ARG A 220 9.02 -2.11 -21.14
N PHE A 221 9.22 -3.37 -20.76
CA PHE A 221 8.21 -4.40 -20.97
C PHE A 221 7.11 -4.25 -19.94
N THR A 222 5.88 -4.00 -20.39
CA THR A 222 4.73 -3.95 -19.50
C THR A 222 4.21 -5.36 -19.23
N PRO A 223 3.42 -5.54 -18.15
CA PRO A 223 2.79 -6.85 -17.93
C PRO A 223 1.99 -7.36 -19.11
N GLN A 224 1.22 -6.49 -19.77
CA GLN A 224 0.41 -6.91 -20.89
C GLN A 224 1.27 -7.36 -22.06
N PHE A 225 2.38 -6.67 -22.31
CA PHE A 225 3.30 -7.12 -23.36
C PHE A 225 3.89 -8.48 -23.04
N LEU A 226 4.32 -8.67 -21.79
CA LEU A 226 4.90 -9.95 -21.40
C LEU A 226 3.90 -11.08 -21.63
N LEU A 227 2.63 -10.88 -21.26
CA LEU A 227 1.64 -11.92 -21.42
C LEU A 227 1.31 -12.17 -22.89
N GLN A 228 1.26 -11.11 -23.70
CA GLN A 228 1.02 -11.29 -25.13
C GLN A 228 2.21 -11.96 -25.81
N LEU A 229 3.43 -11.53 -25.44
CA LEU A 229 4.63 -12.19 -25.95
C LEU A 229 4.61 -13.68 -25.57
N ASN A 230 4.29 -13.98 -24.32
CA ASN A 230 4.17 -15.36 -23.87
C ASN A 230 3.18 -16.13 -24.75
N GLU A 231 1.99 -15.58 -24.96
CA GLU A 231 0.98 -16.28 -25.74
C GLU A 231 1.41 -16.43 -27.19
N THR A 232 2.05 -15.40 -27.76
CA THR A 232 2.53 -15.51 -29.13
C THR A 232 3.55 -16.63 -29.26
N ILE A 233 4.44 -16.77 -28.27
CA ILE A 233 5.46 -17.82 -28.32
C ILE A 233 4.81 -19.19 -28.25
N TYR A 234 3.81 -19.37 -27.40
CA TYR A 234 3.12 -20.66 -27.32
C TYR A 234 2.42 -20.99 -28.62
N THR A 235 1.67 -20.03 -29.18
CA THR A 235 0.88 -20.31 -30.38
C THR A 235 1.74 -20.34 -31.64
N SER A 236 2.82 -19.57 -31.69
CA SER A 236 3.72 -19.65 -32.83
C SER A 236 4.70 -20.81 -32.73
N GLY A 237 4.61 -21.61 -31.67
CA GLY A 237 5.48 -22.75 -31.51
C GLY A 237 6.95 -22.39 -31.39
N LYS A 238 7.28 -21.40 -30.57
CA LYS A 238 8.66 -20.96 -30.38
C LYS A 238 9.20 -21.36 -29.01
N ARG A 239 8.54 -22.28 -28.33
CA ARG A 239 9.09 -22.85 -27.12
C ARG A 239 10.25 -23.78 -27.45
N SER A 240 11.10 -24.01 -26.46
CA SER A 240 12.21 -24.94 -26.63
C SER A 240 11.69 -26.36 -26.86
N ASN A 241 12.12 -26.99 -27.94
CA ASN A 241 11.83 -28.40 -28.19
C ASN A 241 13.09 -29.25 -28.02
N THR A 242 13.88 -28.95 -26.98
CA THR A 242 15.09 -29.68 -26.65
C THR A 242 15.19 -29.78 -25.13
N THR A 243 16.29 -30.38 -24.67
CA THR A 243 16.63 -30.38 -23.25
C THR A 243 17.25 -29.06 -22.80
N GLY A 244 17.78 -28.29 -23.74
CA GLY A 244 18.53 -27.08 -23.42
C GLY A 244 17.64 -25.87 -23.20
N LYS A 245 18.26 -24.82 -22.69
CA LYS A 245 17.57 -23.59 -22.32
C LYS A 245 17.54 -22.65 -23.52
N LEU A 246 16.34 -22.21 -23.88
CA LEU A 246 16.13 -21.29 -24.99
C LEU A 246 15.82 -19.91 -24.46
N ILE A 247 16.66 -18.94 -24.79
CA ILE A 247 16.50 -17.56 -24.32
C ILE A 247 16.28 -16.68 -25.55
N TRP A 248 15.08 -16.12 -25.68
CA TRP A 248 14.79 -15.20 -26.76
C TRP A 248 15.21 -13.79 -26.38
N LYS A 249 15.48 -12.99 -27.41
CA LYS A 249 15.81 -11.58 -27.21
C LYS A 249 14.95 -10.73 -28.14
N VAL A 250 14.54 -9.59 -27.62
CA VAL A 250 13.68 -8.63 -28.31
C VAL A 250 14.56 -7.44 -28.70
N ASN A 251 14.67 -7.14 -29.99
CA ASN A 251 15.52 -6.02 -30.40
C ASN A 251 14.79 -4.70 -30.20
N PRO A 252 15.52 -3.57 -30.17
CA PRO A 252 14.90 -2.31 -29.72
C PRO A 252 13.68 -1.85 -30.51
N GLU A 253 13.68 -2.02 -31.83
CA GLU A 253 12.60 -1.47 -32.64
C GLU A 253 11.26 -2.16 -32.38
N ILE A 254 11.21 -3.14 -31.49
CA ILE A 254 9.96 -3.80 -31.14
C ILE A 254 9.18 -2.91 -30.17
N ASP A 255 7.97 -2.53 -30.57
CA ASP A 255 7.12 -1.71 -29.73
C ASP A 255 6.63 -2.49 -28.52
N THR A 256 6.50 -1.80 -27.39
CA THR A 256 6.01 -2.39 -26.16
C THR A 256 4.98 -1.47 -25.52
N THR A 257 3.85 -2.05 -25.11
CA THR A 257 2.72 -1.33 -24.52
C THR A 257 3.13 -0.29 -23.49
N GLU A 260 5.52 7.18 -22.27
CA GLU A 260 5.30 6.54 -20.98
C GLU A 260 4.02 7.05 -20.32
N TRP A 261 3.13 6.12 -19.99
CA TRP A 261 1.83 6.45 -19.41
C TRP A 261 1.55 5.54 -18.22
N ALA A 262 0.86 6.09 -17.23
CA ALA A 262 0.49 5.32 -16.05
C ALA A 262 -0.61 4.31 -16.39
N PHE A 263 -0.69 3.26 -15.57
CA PHE A 263 -1.58 2.14 -15.92
C PHE A 263 -3.05 2.55 -15.90
N TRP A 264 -3.44 3.52 -15.08
CA TRP A 264 -4.85 3.88 -14.96
C TRP A 264 -5.34 4.79 -16.08
N GLU A 265 -4.44 5.41 -16.85
CA GLU A 265 -4.85 6.29 -17.94
C GLU A 265 -4.70 5.63 -19.31
N THR A 266 -4.21 4.40 -19.37
CA THR A 266 -4.12 3.66 -20.62
C THR A 266 -4.56 2.21 -20.44
N SER A 276 0.03 -11.31 -31.92
CA SER A 276 -0.10 -10.97 -33.33
C SER A 276 0.84 -11.80 -34.18
N GLU A 277 0.52 -11.96 -35.46
CA GLU A 277 1.34 -12.69 -36.40
C GLU A 277 2.35 -11.78 -37.11
N GLU A 278 2.68 -10.62 -36.53
CA GLU A 278 3.64 -9.71 -37.11
C GLU A 278 5.06 -9.99 -36.67
N LEU A 279 5.25 -10.72 -35.58
CA LEU A 279 6.57 -11.01 -35.05
C LEU A 279 7.23 -12.13 -35.86
N SER A 280 8.56 -12.04 -35.97
CA SER A 280 9.35 -13.03 -36.71
C SER A 280 10.51 -13.48 -35.84
N PHE A 281 10.53 -14.76 -35.51
CA PHE A 281 11.55 -15.34 -34.65
C PHE A 281 12.66 -15.98 -35.48
N THR A 282 13.88 -15.95 -34.96
CA THR A 282 15.03 -16.51 -35.65
C THR A 282 16.09 -16.93 -34.65
N VAL A 283 16.57 -18.17 -34.79
CA VAL A 283 17.53 -18.75 -33.84
C VAL A 283 18.94 -18.45 -34.32
N VAL A 284 19.79 -17.98 -33.42
CA VAL A 284 21.19 -17.72 -33.73
C VAL A 284 21.97 -19.02 -33.77
N UNK A 285 23.15 -24.08 -24.23
CA UNK A 285 22.36 -22.87 -24.28
C UNK A 285 21.96 -22.54 -25.71
N UNK A 286 21.06 -21.58 -25.87
CA UNK A 286 20.61 -21.17 -27.20
C UNK A 286 20.01 -19.77 -27.10
N UNK A 287 20.70 -18.79 -27.67
CA UNK A 287 20.18 -17.44 -27.79
C UNK A 287 19.47 -17.27 -29.12
N UNK A 288 18.66 -16.22 -29.23
CA UNK A 288 17.88 -15.99 -30.44
C UNK A 288 17.28 -14.59 -30.38
N UNK A 289 16.78 -14.13 -31.53
CA UNK A 289 16.25 -12.78 -31.68
C UNK A 289 14.83 -12.85 -32.23
N UNK A 290 13.98 -11.94 -31.76
CA UNK A 290 12.59 -11.83 -32.20
C UNK A 290 12.40 -10.45 -32.81
N UNK A 291 12.32 -10.39 -34.14
CA UNK A 291 12.22 -9.13 -34.87
C UNK A 291 10.78 -8.84 -35.28
N UNK A 292 10.57 -7.64 -35.79
CA UNK A 292 9.25 -7.23 -36.30
C UNK A 292 9.25 -7.09 -37.81
N GLU B 1 -1.67 22.35 8.79
CA GLU B 1 -1.05 22.54 7.49
C GLU B 1 -1.95 22.02 6.36
N ALA B 2 -1.87 22.66 5.21
CA ALA B 2 -2.56 22.12 4.05
C ALA B 2 -1.70 21.03 3.40
N ILE B 3 -2.36 20.21 2.58
CA ILE B 3 -1.73 19.09 1.90
C ILE B 3 -1.50 19.47 0.44
N VAL B 4 -0.24 19.53 0.03
CA VAL B 4 0.14 19.85 -1.34
C VAL B 4 0.69 18.59 -1.99
N ASN B 5 -0.07 17.96 -2.89
CA ASN B 5 0.43 16.79 -3.60
C ASN B 5 1.61 17.19 -4.48
N ALA B 6 2.78 16.60 -4.20
CA ALA B 6 3.99 16.91 -4.94
C ALA B 6 4.59 15.66 -5.55
N GLN B 7 3.74 14.70 -5.92
CA GLN B 7 4.14 13.44 -6.53
C GLN B 7 4.25 13.58 -8.04
N PRO B 8 5.01 12.71 -8.71
CA PRO B 8 5.09 12.79 -10.17
C PRO B 8 3.74 12.66 -10.84
N LYS B 9 2.85 11.85 -10.26
CA LYS B 9 1.53 11.62 -10.81
C LYS B 9 0.56 11.38 -9.66
N CYS B 10 -0.73 11.36 -9.98
CA CYS B 10 -1.77 11.00 -9.02
C CYS B 10 -2.85 10.21 -9.73
N ASN B 11 -3.10 9.01 -9.26
CA ASN B 11 -4.26 8.25 -9.69
C ASN B 11 -5.46 8.83 -8.95
N PRO B 12 -6.35 9.54 -9.64
CA PRO B 12 -7.40 10.28 -8.92
C PRO B 12 -8.52 9.41 -8.40
N ASN B 13 -8.55 8.12 -8.74
CA ASN B 13 -9.58 7.22 -8.25
C ASN B 13 -8.95 6.17 -7.34
N LEU B 14 -9.68 5.83 -6.29
CA LEU B 14 -9.19 4.89 -5.28
C LEU B 14 -10.09 3.67 -5.30
N HIS B 15 -9.62 2.58 -5.90
CA HIS B 15 -10.32 1.31 -5.88
C HIS B 15 -9.80 0.58 -4.64
N TYR B 16 -10.61 0.51 -3.58
CA TYR B 16 -10.10 0.02 -2.31
C TYR B 16 -10.69 -1.33 -1.94
N TRP B 17 -10.00 -2.00 -1.02
CA TRP B 17 -10.47 -3.21 -0.36
C TRP B 17 -10.37 -2.99 1.14
N THR B 18 -11.25 -3.64 1.89
CA THR B 18 -11.21 -3.63 3.35
C THR B 18 -12.11 -4.76 3.86
N THR B 19 -12.34 -4.79 5.17
CA THR B 19 -13.25 -5.77 5.75
C THR B 19 -14.57 -5.11 6.10
N GLN B 20 -15.62 -5.92 6.15
CA GLN B 20 -16.98 -5.41 6.36
C GLN B 20 -17.14 -4.86 7.78
N ASP B 21 -17.84 -3.73 7.88
CA ASP B 21 -18.10 -3.09 9.16
C ASP B 21 -19.56 -3.03 9.56
N GLU B 22 -20.50 -3.35 8.66
CA GLU B 22 -21.91 -3.13 8.94
C GLU B 22 -22.73 -4.33 8.49
N GLY B 23 -23.89 -4.50 9.10
CA GLY B 23 -24.79 -5.59 8.75
C GLY B 23 -24.36 -6.94 9.27
N ALA B 24 -25.32 -7.81 9.51
CA ALA B 24 -25.02 -9.13 10.04
C ALA B 24 -24.61 -10.09 8.93
N ALA B 25 -23.98 -11.19 9.34
CA ALA B 25 -23.72 -12.27 8.40
C ALA B 25 -25.04 -12.93 7.99
N ILE B 26 -24.99 -13.71 6.92
CA ILE B 26 -26.15 -14.43 6.41
C ILE B 26 -26.11 -15.85 6.95
N GLY B 27 -27.11 -16.19 7.75
CA GLY B 27 -27.20 -17.56 8.27
C GLY B 27 -26.03 -17.88 9.17
N LEU B 28 -25.33 -18.98 8.85
CA LEU B 28 -24.21 -19.47 9.63
C LEU B 28 -22.86 -18.95 9.13
N ALA B 29 -22.85 -17.98 8.21
CA ALA B 29 -21.60 -17.54 7.61
C ALA B 29 -20.66 -16.87 8.62
N TRP B 30 -21.15 -16.49 9.81
CA TRP B 30 -20.29 -15.89 10.82
C TRP B 30 -19.47 -16.92 11.58
N ILE B 31 -19.83 -18.20 11.48
CA ILE B 31 -19.11 -19.26 12.17
C ILE B 31 -17.79 -19.50 11.44
N PRO B 32 -16.64 -19.41 12.11
CA PRO B 32 -15.36 -19.66 11.42
C PRO B 32 -15.36 -20.94 10.60
N TYR B 33 -15.85 -22.04 11.18
CA TYR B 33 -15.87 -23.33 10.49
C TYR B 33 -16.58 -23.25 9.15
N PHE B 34 -17.64 -22.44 9.05
CA PHE B 34 -18.45 -22.40 7.83
C PHE B 34 -18.16 -21.22 6.93
N GLY B 35 -17.53 -20.16 7.44
CA GLY B 35 -17.44 -18.92 6.71
C GLY B 35 -16.33 -18.87 5.68
N PRO B 36 -16.09 -17.68 5.14
CA PRO B 36 -15.08 -17.55 4.08
C PRO B 36 -13.67 -17.80 4.61
N ALA B 37 -12.82 -18.26 3.70
CA ALA B 37 -11.39 -18.36 3.97
C ALA B 37 -10.78 -16.96 3.98
N ALA B 38 -9.48 -16.90 4.30
CA ALA B 38 -8.79 -15.62 4.43
C ALA B 38 -8.97 -14.74 3.19
N GLU B 39 -9.01 -15.36 2.01
CA GLU B 39 -9.09 -14.57 0.78
C GLU B 39 -10.49 -14.02 0.51
N GLY B 40 -11.50 -14.54 1.20
CA GLY B 40 -12.87 -14.15 0.88
C GLY B 40 -13.54 -13.22 1.89
N ILE B 41 -12.76 -12.53 2.72
CA ILE B 41 -13.34 -11.68 3.75
C ILE B 41 -13.44 -10.22 3.34
N TYR B 42 -13.08 -9.87 2.11
CA TYR B 42 -12.91 -8.48 1.73
C TYR B 42 -14.13 -7.92 1.02
N ILE B 43 -14.42 -6.66 1.28
CA ILE B 43 -15.36 -5.89 0.46
C ILE B 43 -14.52 -4.93 -0.37
N GLU B 44 -15.16 -4.37 -1.39
CA GLU B 44 -14.51 -3.43 -2.28
C GLU B 44 -15.38 -2.21 -2.46
N GLY B 45 -14.75 -1.09 -2.81
CA GLY B 45 -15.49 0.11 -3.16
C GLY B 45 -14.62 0.97 -4.05
N LEU B 46 -15.21 2.07 -4.52
CA LEU B 46 -14.53 2.98 -5.43
C LEU B 46 -14.80 4.41 -4.99
N MET B 47 -13.75 5.21 -4.85
CA MET B 47 -13.88 6.60 -4.49
C MET B 47 -13.22 7.49 -5.54
N HIS B 48 -13.87 8.60 -5.84
CA HIS B 48 -13.35 9.55 -6.80
C HIS B 48 -12.78 10.77 -6.09
N ASN B 49 -12.15 11.65 -6.87
CA ASN B 49 -11.33 12.73 -6.32
C ASN B 49 -12.16 13.98 -5.98
N GLN B 50 -13.39 13.81 -5.51
CA GLN B 50 -14.16 14.95 -5.03
C GLN B 50 -13.37 15.68 -3.94
N ASP B 51 -13.40 17.02 -4.00
CA ASP B 51 -12.66 17.86 -3.06
C ASP B 51 -11.17 17.57 -3.06
N GLY B 52 -10.66 16.88 -4.09
CA GLY B 52 -9.27 16.49 -4.15
C GLY B 52 -8.83 15.56 -3.06
N LEU B 53 -9.77 14.83 -2.43
CA LEU B 53 -9.41 14.03 -1.27
C LEU B 53 -8.45 12.89 -1.62
N ILE B 54 -8.56 12.33 -2.83
CA ILE B 54 -7.72 11.17 -3.15
C ILE B 54 -6.28 11.59 -3.35
N CYS B 55 -6.05 12.62 -4.18
CA CYS B 55 -4.68 13.09 -4.36
C CYS B 55 -4.12 13.66 -3.06
N GLY B 56 -4.98 14.31 -2.26
CA GLY B 56 -4.53 14.74 -0.94
C GLY B 56 -4.14 13.56 -0.06
N LEU B 57 -4.93 12.49 -0.11
CA LEU B 57 -4.64 11.32 0.72
C LEU B 57 -3.35 10.64 0.29
N ARG B 58 -3.09 10.53 -1.02
CA ARG B 58 -1.82 9.97 -1.46
C ARG B 58 -0.66 10.79 -0.91
N GLN B 59 -0.76 12.13 -0.98
CA GLN B 59 0.29 12.98 -0.43
C GLN B 59 0.39 12.83 1.08
N LEU B 60 -0.76 12.74 1.76
CA LEU B 60 -0.75 12.59 3.21
C LEU B 60 -0.02 11.33 3.63
N ALA B 61 -0.32 10.20 2.98
CA ALA B 61 0.35 8.94 3.30
C ALA B 61 1.86 9.07 3.09
N ASN B 62 2.27 9.65 1.96
CA ASN B 62 3.68 9.89 1.71
C ASN B 62 4.32 10.72 2.82
N GLU B 63 3.68 11.82 3.24
CA GLU B 63 4.26 12.72 4.24
C GLU B 63 4.25 12.14 5.64
N THR B 64 3.35 11.20 5.93
CA THR B 64 3.26 10.53 7.22
C THR B 64 4.45 9.62 7.49
N THR B 65 5.15 9.19 6.43
CA THR B 65 6.08 8.07 6.54
C THR B 65 7.23 8.36 7.50
N GLN B 66 7.83 9.54 7.41
CA GLN B 66 8.96 9.86 8.27
C GLN B 66 8.60 9.74 9.75
N ALA B 67 7.54 10.41 10.18
CA ALA B 67 7.14 10.33 11.58
C ALA B 67 6.76 8.91 11.96
N LEU B 68 6.10 8.18 11.06
CA LEU B 68 5.70 6.82 11.37
C LEU B 68 6.93 5.92 11.49
N GLN B 69 7.89 6.08 10.58
CA GLN B 69 9.13 5.30 10.64
C GLN B 69 9.92 5.61 11.91
N LEU B 70 9.97 6.88 12.31
CA LEU B 70 10.68 7.21 13.53
C LEU B 70 9.97 6.64 14.75
N PHE B 71 8.64 6.64 14.74
CA PHE B 71 7.89 6.01 15.81
C PHE B 71 8.20 4.51 15.89
N LEU B 72 8.20 3.83 14.74
CA LEU B 72 8.45 2.39 14.73
C LEU B 72 9.88 2.09 15.17
N ARG B 73 10.84 2.95 14.80
CA ARG B 73 12.22 2.74 15.23
C ARG B 73 12.32 2.76 16.74
N ALA B 74 11.53 3.61 17.39
CA ALA B 74 11.66 3.79 18.82
C ALA B 74 10.82 2.83 19.64
N THR B 75 9.86 2.14 19.03
CA THR B 75 9.07 1.19 19.79
C THR B 75 9.77 -0.17 19.83
N THR B 76 9.52 -0.92 20.91
CA THR B 76 10.01 -2.29 21.04
C THR B 76 8.94 -3.31 20.67
N GLU B 77 7.70 -2.87 20.47
CA GLU B 77 6.66 -3.78 20.01
C GLU B 77 6.98 -4.27 18.60
N LEU B 78 6.81 -5.57 18.38
CA LEU B 78 7.09 -6.12 17.07
C LEU B 78 6.02 -5.72 16.07
N ARG B 79 4.76 -5.76 16.49
CA ARG B 79 3.64 -5.34 15.66
C ARG B 79 2.83 -4.30 16.42
N THR B 80 2.59 -3.15 15.79
CA THR B 80 1.94 -2.01 16.44
C THR B 80 0.50 -1.89 15.97
N PHE B 81 -0.44 -2.03 16.90
CA PHE B 81 -1.88 -1.91 16.62
C PHE B 81 -2.52 -0.72 17.34
N SER B 82 -1.76 0.02 18.13
CA SER B 82 -2.35 0.93 19.12
C SER B 82 -2.37 2.39 18.68
N ILE B 83 -1.95 2.69 17.46
CA ILE B 83 -1.77 4.09 17.07
C ILE B 83 -3.11 4.84 17.12
N LEU B 84 -4.16 4.25 16.54
CA LEU B 84 -5.42 4.98 16.50
C LEU B 84 -6.03 5.10 17.89
N ASN B 85 -5.92 4.07 18.72
CA ASN B 85 -6.45 4.18 20.07
C ASN B 85 -5.71 5.26 20.86
N ARG B 86 -4.39 5.37 20.66
CA ARG B 86 -3.65 6.42 21.34
C ARG B 86 -4.07 7.81 20.83
N LYS B 87 -4.36 7.93 19.54
CA LYS B 87 -4.86 9.22 19.02
C LYS B 87 -6.18 9.59 19.67
N ALA B 88 -7.08 8.62 19.84
CA ALA B 88 -8.35 8.88 20.51
C ALA B 88 -8.13 9.33 21.94
N ILE B 89 -7.22 8.66 22.65
CA ILE B 89 -6.92 9.06 24.03
C ILE B 89 -6.38 10.49 24.05
N ASP B 90 -5.42 10.79 23.16
CA ASP B 90 -4.87 12.13 23.12
C ASP B 90 -5.91 13.17 22.71
N PHE B 91 -6.87 12.78 21.87
CA PHE B 91 -7.96 13.69 21.56
C PHE B 91 -8.71 14.09 22.81
N LEU B 92 -9.04 13.12 23.66
CA LEU B 92 -9.78 13.40 24.89
C LEU B 92 -8.93 14.19 25.90
N LEU B 93 -7.65 13.81 26.05
CA LEU B 93 -6.80 14.51 27.01
C LEU B 93 -6.61 15.97 26.60
N GLN B 94 -6.55 16.24 25.30
CA GLN B 94 -6.35 17.61 24.86
C GLN B 94 -7.50 18.51 25.32
N ARG B 95 -8.72 17.96 25.33
CA ARG B 95 -9.91 18.73 25.69
C ARG B 95 -10.29 18.59 27.15
N TRP B 96 -10.07 17.43 27.76
CA TRP B 96 -10.59 17.14 29.08
C TRP B 96 -9.50 16.73 30.08
N GLY B 97 -8.22 16.88 29.74
CA GLY B 97 -7.15 16.56 30.65
C GLY B 97 -6.93 17.57 31.77
N GLY B 98 -7.57 18.72 31.70
CA GLY B 98 -7.46 19.70 32.76
C GLY B 98 -8.82 20.25 33.13
N THR B 99 -8.84 21.23 34.03
CA THR B 99 -10.09 21.90 34.36
C THR B 99 -10.62 22.64 33.14
N CYS B 100 -11.92 22.50 32.88
CA CYS B 100 -12.57 23.15 31.75
C CYS B 100 -13.09 24.50 32.23
N HIS B 101 -12.38 25.57 31.87
CA HIS B 101 -12.81 26.93 32.20
C HIS B 101 -13.84 27.38 31.17
N ILE B 102 -15.11 27.44 31.58
CA ILE B 102 -16.16 27.82 30.65
C ILE B 102 -15.87 29.19 30.05
N LEU B 103 -16.13 29.31 28.74
CA LEU B 103 -15.90 30.46 27.85
C LEU B 103 -14.44 30.59 27.41
N GLY B 104 -13.53 29.75 27.89
CA GLY B 104 -12.16 29.77 27.43
C GLY B 104 -12.03 29.11 26.07
N PRO B 105 -10.93 29.40 25.36
CA PRO B 105 -10.77 28.84 24.00
C PRO B 105 -10.48 27.35 23.99
N ASP B 106 -10.07 26.76 25.11
CA ASP B 106 -9.72 25.34 25.17
C ASP B 106 -10.73 24.51 25.95
N CYS B 107 -11.89 25.06 26.25
CA CYS B 107 -12.95 24.37 26.99
C CYS B 107 -14.15 24.20 26.06
N CYS B 108 -14.43 22.96 25.66
CA CYS B 108 -15.48 22.66 24.69
C CYS B 108 -16.84 22.48 25.37
N ILE B 109 -17.25 23.49 26.13
CA ILE B 109 -18.53 23.49 26.83
C ILE B 109 -19.35 24.68 26.32
N GLU B 110 -20.52 24.39 25.75
CA GLU B 110 -21.37 25.42 25.19
C GLU B 110 -22.48 25.76 26.18
N PRO B 111 -22.46 26.92 26.82
CA PRO B 111 -23.60 27.32 27.66
C PRO B 111 -24.58 28.21 26.93
N ALA B 112 -24.58 28.17 25.59
CA ALA B 112 -25.49 29.03 24.82
C ALA B 112 -26.94 28.76 25.19
N ASP B 113 -27.36 27.50 25.11
CA ASP B 113 -28.69 27.12 25.59
C ASP B 113 -28.82 27.32 27.09
N TRP B 114 -27.70 27.31 27.82
CA TRP B 114 -27.75 27.60 29.25
C TRP B 114 -28.01 29.08 29.51
N THR B 115 -27.50 29.96 28.65
CA THR B 115 -27.83 31.37 28.75
C THR B 115 -29.31 31.61 28.51
N LYS B 116 -29.82 31.10 27.38
CA LYS B 116 -31.24 31.24 27.08
C LYS B 116 -32.10 30.70 28.21
N ASN B 117 -31.59 29.77 28.99
CA ASN B 117 -32.34 29.25 30.12
C ASN B 117 -32.35 30.22 31.29
N ILE B 118 -31.28 30.98 31.48
CA ILE B 118 -31.18 31.94 32.57
C ILE B 118 -31.56 33.34 32.12
N THR B 119 -31.21 33.71 30.88
CA THR B 119 -31.62 35.03 30.37
C THR B 119 -33.12 35.10 30.16
N ASP B 120 -33.77 33.95 29.97
CA ASP B 120 -35.23 33.89 29.97
C ASP B 120 -35.79 33.91 31.38
N LYS B 121 -34.96 33.54 32.37
CA LYS B 121 -35.36 33.57 33.77
C LYS B 121 -35.13 34.94 34.42
N ILE B 122 -34.69 35.95 33.66
CA ILE B 122 -34.60 37.28 34.23
C ILE B 122 -35.99 37.83 34.53
N ASP B 123 -36.92 37.64 33.61
CA ASP B 123 -38.31 38.05 33.78
C ASP B 123 -39.10 37.12 34.69
N GLN B 124 -38.41 36.15 35.30
CA GLN B 124 -39.04 35.30 36.30
C GLN B 124 -39.15 35.99 37.66
N ILE B 125 -38.30 36.97 37.94
CA ILE B 125 -38.30 37.64 39.23
C ILE B 125 -38.31 39.16 39.05
N ILE B 126 -37.74 39.64 37.94
CA ILE B 126 -37.72 41.09 37.71
C ILE B 126 -39.01 41.55 37.04
N HIS B 127 -39.60 40.72 36.18
CA HIS B 127 -40.89 41.06 35.60
C HIS B 127 -42.02 40.74 36.57
N ASP B 128 -41.93 39.61 37.27
CA ASP B 128 -42.90 39.25 38.30
C ASP B 128 -42.44 39.81 39.65
N PHE B 129 -42.56 41.13 39.77
CA PHE B 129 -42.19 41.86 40.98
C PHE B 129 -43.37 42.76 41.40
N VAL B 130 -44.51 42.13 41.63
CA VAL B 130 -45.73 42.85 42.00
C VAL B 130 -45.58 43.46 43.39
C1 NAG C . 7.34 10.84 -0.90
C2 NAG C . 8.32 9.68 -1.01
C3 NAG C . 9.68 10.17 -1.47
C4 NAG C . 9.56 10.96 -2.78
C5 NAG C . 8.53 12.07 -2.62
C6 NAG C . 8.23 12.77 -3.93
C7 NAG C . 8.18 7.68 0.41
C8 NAG C . 8.33 7.14 1.80
N2 NAG C . 8.44 8.99 0.26
O3 NAG C . 10.55 9.04 -1.61
O4 NAG C . 10.80 11.59 -3.09
O5 NAG C . 7.27 11.54 -2.16
O6 NAG C . 7.59 11.89 -4.86
O7 NAG C . 7.84 6.97 -0.54
C1 NAG C . 11.78 10.69 -3.68
C2 NAG C . 12.30 11.27 -4.98
C3 NAG C . 13.36 10.35 -5.57
C4 NAG C . 14.46 10.09 -4.56
C5 NAG C . 13.89 9.61 -3.23
C6 NAG C . 14.94 9.57 -2.14
C7 NAG C . 10.82 12.70 -6.33
C8 NAG C . 9.69 12.73 -7.31
N2 NAG C . 11.21 11.48 -5.93
O3 NAG C . 13.89 10.96 -6.74
O4 NAG C . 15.36 9.11 -5.06
O5 NAG C . 12.87 10.52 -2.77
O6 NAG C . 14.52 8.79 -1.02
O7 NAG C . 11.34 13.72 -5.90
C1 BMA C . 16.65 9.71 -5.32
C2 BMA C . 17.68 8.56 -5.29
C3 BMA C . 19.04 9.04 -5.82
C4 BMA C . 18.92 9.90 -7.09
C5 BMA C . 17.89 11.01 -6.90
C6 BMA C . 17.67 11.81 -8.16
O2 BMA C . 17.26 7.49 -6.13
O3 BMA C . 19.86 7.90 -6.09
O4 BMA C . 20.18 10.49 -7.39
O5 BMA C . 16.64 10.39 -6.57
O6 BMA C . 17.36 10.88 -9.19
C1 MAN C . 21.16 8.05 -5.47
C2 MAN C . 22.01 6.83 -5.91
C3 MAN C . 21.51 5.56 -5.20
C4 MAN C . 21.45 5.78 -3.68
C5 MAN C . 20.53 6.97 -3.38
C6 MAN C . 20.42 7.29 -1.90
O2 MAN C . 23.38 6.97 -5.54
O3 MAN C . 22.32 4.43 -5.52
O4 MAN C . 20.94 4.61 -3.04
O5 MAN C . 21.03 8.15 -4.05
O6 MAN C . 19.24 8.06 -1.70
C1 MAN C . 17.54 11.52 -10.47
C2 MAN C . 16.84 10.61 -11.53
C3 MAN C . 16.99 11.20 -12.94
C4 MAN C . 18.17 12.20 -13.02
C5 MAN C . 19.32 11.68 -12.15
C6 MAN C . 20.61 12.48 -12.31
O2 MAN C . 15.44 10.52 -11.29
O3 MAN C . 15.78 11.81 -13.38
O4 MAN C . 18.61 12.35 -14.36
O5 MAN C . 18.92 11.73 -10.75
O6 MAN C . 20.29 13.86 -12.14
C1 NAG D . 1.61 -18.33 -21.38
C2 NAG D . 0.84 -18.26 -20.05
C3 NAG D . 0.32 -19.63 -19.67
C4 NAG D . -0.51 -20.22 -20.81
C5 NAG D . 0.30 -20.24 -22.09
C6 NAG D . -0.49 -20.70 -23.28
C7 NAG D . 1.32 -16.69 -18.23
C8 NAG D . 2.32 -16.26 -17.19
N2 NAG D . 1.69 -17.71 -19.00
O3 NAG D . -0.47 -19.53 -18.49
O4 NAG D . -0.93 -21.54 -20.48
O5 NAG D . 0.77 -18.92 -22.39
O6 NAG D . -1.75 -20.05 -23.36
O7 NAG D . 0.22 -16.15 -18.34
C1 NAG E . 8.89 -26.37 -13.64
C2 NAG E . 7.81 -27.46 -13.62
C3 NAG E . 7.07 -27.46 -12.29
C4 NAG E . 8.07 -27.59 -11.15
C5 NAG E . 9.12 -26.49 -11.24
C6 NAG E . 10.21 -26.61 -10.20
C7 NAG E . 6.91 -27.98 -15.84
C8 NAG E . 5.88 -27.66 -16.87
N2 NAG E . 6.86 -27.27 -14.71
O3 NAG E . 6.16 -28.55 -12.25
O4 NAG E . 7.40 -27.50 -9.90
O5 NAG E . 9.77 -26.55 -12.52
O6 NAG E . 11.30 -25.74 -10.47
O7 NAG E . 7.78 -28.83 -16.03
C1 NAG F . 27.90 -0.59 -9.82
C2 NAG F . 29.31 -0.13 -9.43
C3 NAG F . 29.90 0.77 -10.50
C4 NAG F . 29.70 0.15 -11.87
C5 NAG F . 28.22 0.15 -12.20
C6 NAG F . 27.79 -1.07 -12.98
C7 NAG F . 30.08 0.20 -7.12
C8 NAG F . 29.93 1.00 -5.86
N2 NAG F . 29.29 0.55 -8.14
O3 NAG F . 31.28 0.96 -10.24
O4 NAG F . 30.40 0.89 -12.85
O5 NAG F . 27.42 0.18 -11.00
O6 NAG F . 26.78 -0.76 -13.94
O7 NAG F . 30.89 -0.73 -7.21
C1 NAG G . 11.12 -26.15 -32.38
C2 NAG G . 9.86 -25.67 -33.13
C3 NAG G . 10.26 -24.65 -34.21
C4 NAG G . 11.07 -23.51 -33.59
C5 NAG G . 12.27 -24.09 -32.84
C6 NAG G . 13.06 -23.04 -32.11
C7 NAG G . 7.87 -26.72 -34.10
C8 NAG G . 7.29 -27.97 -34.70
N2 NAG G . 9.15 -26.78 -33.72
O3 NAG G . 9.08 -24.12 -34.82
O4 NAG G . 11.53 -22.64 -34.61
O5 NAG G . 11.81 -25.02 -31.84
O6 NAG G . 14.15 -23.61 -31.39
O7 NAG G . 7.21 -25.69 -33.98
C1 GOL H . -6.18 -0.34 -9.52
O1 GOL H . -6.58 0.63 -8.59
C2 GOL H . -7.28 -1.45 -9.55
O2 GOL H . -8.38 -1.09 -10.32
C3 GOL H . -6.57 -2.76 -10.04
O3 GOL H . -5.67 -2.41 -11.04
C1 GOL I . 18.72 -13.45 6.67
O1 GOL I . 17.84 -13.14 7.71
C2 GOL I . 18.43 -14.91 6.25
O2 GOL I . 18.78 -15.83 7.22
C3 GOL I . 16.92 -14.94 5.98
O3 GOL I . 16.41 -16.04 6.67
C13 GON J . -14.86 10.92 2.57
C15 GON J . -14.43 8.97 3.89
C20 GON J . -12.07 9.54 3.24
C21 GON J . -11.37 9.24 2.08
C22 GON J . -10.36 10.07 1.62
C24 GON J . -10.72 11.52 3.50
C26 GON J . -16.07 10.61 4.60
C28 GON J . -16.75 11.80 4.40
C02 GON J . -20.32 17.64 7.49
C04 GON J . -19.64 18.34 6.31
C05 GON J . -20.32 18.00 5.08
C06 GON J . -19.84 16.72 4.39
C08 GON J . -17.98 15.91 3.52
C09 GON J . -17.39 14.62 4.11
C11 GON J . -16.48 12.56 3.27
C12 GON J . -15.53 12.12 2.36
C14 GON J . -15.11 10.16 3.70
C18 GON J . -12.90 7.35 4.01
C19 GON J . -13.08 8.69 3.68
C23 GON J . -10.03 11.21 2.34
C25 GON J . -11.73 10.68 3.96
C29 GON J . -17.80 16.78 5.60
C30 GON J . -18.22 18.05 6.32
N01 GON J . -21.75 17.37 7.44
N07 GON J . -18.42 16.72 4.31
N16 GON J . -15.00 7.84 4.30
N17 GON J . -14.06 6.85 4.39
O03 GON J . -19.69 17.33 8.45
O10 GON J . -17.14 13.77 3.03
O27 GON J . -16.35 9.85 5.75
C13 GON K . -11.65 3.24 5.01
C15 GON K . -13.24 3.84 3.32
C20 GON K . -11.09 4.43 2.14
C21 GON K . -10.39 5.61 2.29
C22 GON K . -9.03 5.63 2.05
C24 GON K . -9.10 3.27 1.48
C26 GON K . -13.71 2.01 4.71
C28 GON K . -13.36 1.20 5.76
C02 GON K . -12.81 -1.09 13.93
C04 GON K . -12.93 -1.22 12.41
C05 GON K . -12.28 -2.45 12.00
C06 GON K . -12.11 -2.57 10.48
C08 GON K . -12.07 -1.48 8.63
C09 GON K . -12.75 -0.47 7.70
C11 GON K . -12.16 1.40 6.41
C12 GON K . -11.29 2.41 6.05
C14 GON K . -12.85 3.03 4.35
C18 GON K . -13.33 5.16 1.57
C19 GON K . -12.45 4.46 2.37
C23 GON K . -8.42 4.46 1.63
C25 GON K . -10.46 3.27 1.72
C29 GON K . -11.89 -0.23 10.39
C30 GON K . -12.45 0.00 11.80
N01 GON K . -12.77 0.23 14.54
N07 GON K . -12.47 -1.38 9.77
N16 GON K . -14.49 4.19 3.09
N17 GON K . -14.55 5.00 2.01
O03 GON K . -12.78 -2.07 14.61
O10 GON K . -11.83 0.55 7.46
O27 GON K . -14.93 1.78 4.05
S DMS L . -13.82 16.23 11.82
O DMS L . -13.43 17.50 12.48
C1 DMS L . -15.40 15.71 12.55
C2 DMS L . -14.33 16.68 10.13
C1 NAG M . -34.87 25.81 31.41
C2 NAG M . -35.19 26.04 32.90
C3 NAG M . -36.51 25.35 33.29
C4 NAG M . -37.63 25.72 32.32
C5 NAG M . -37.20 25.41 30.90
C6 NAG M . -38.24 25.79 29.87
C7 NAG M . -33.97 25.83 35.03
C8 NAG M . -32.77 25.23 35.71
N2 NAG M . -34.10 25.56 33.72
O3 NAG M . -36.86 25.73 34.61
O4 NAG M . -38.81 25.00 32.65
O5 NAG M . -36.02 26.16 30.60
O6 NAG M . -37.91 25.27 28.60
O7 NAG M . -34.78 26.53 35.63
C1 GOL N . 8.94 11.73 4.59
O1 GOL N . 7.62 11.43 5.00
C2 GOL N . 9.12 11.31 3.11
O2 GOL N . 7.95 10.92 2.51
C3 GOL N . 9.73 12.55 2.42
O3 GOL N . 10.13 12.14 1.14
#